data_8OG7
#
_entry.id   8OG7
#
_cell.length_a   81.750
_cell.length_b   81.750
_cell.length_c   235.633
_cell.angle_alpha   90.00
_cell.angle_beta   90.00
_cell.angle_gamma   120.00
#
_symmetry.space_group_name_H-M   'P 61 2 2'
#
loop_
_entity.id
_entity.type
_entity.pdbx_description
1 polymer 'DDB1- and CUL4-associated factor 1'
2 non-polymer 'ACETATE ION'
3 non-polymer 1,2-ETHANEDIOL
4 non-polymer (4~{R})-4-[3-(4-chloranylphenoxy)phenyl]pyrrolidin-2-imine
5 water water
#
_entity_poly.entity_id   1
_entity_poly.type   'polypeptide(L)'
_entity_poly.pdbx_seq_one_letter_code
;GGGREPKQRRQAPINFTSRLNRRASFPKYGGVDGGCFDRHLIFSRFRPISVFREANEDESGFTCCAFSARERFLMLGTCT
GQLKLYNVFSGQEEASYNCHNSAITHLEPSRDGSLLLTSATWSQPLSALWGMKSVFDMKHSFTEDHYVEFSKHSQDRVIG
TKGDIAHIYDIQTGNKLLTLFNPDLANNYKRNCATFNPTDDLVLNDGVLWDVRSALAIHKFDKFNMNISGVFHPNGLEVI
INTEIWDLRTFHLLHTVPALDQCRVVFNHTGTVMYGAMLQADDEDDLMEERMKSPFGSSFRTFNATDYKPIATIDVKRNI
FDLCTDTKDCYLAVIENQGSMDALNMDTVCRLYEVGRQRLAEDEDEE
;
_entity_poly.pdbx_strand_id   A
#
# COMPACT_ATOMS: atom_id res chain seq x y z
N PHE A 46 -22.39 -2.89 1.06
CA PHE A 46 -21.44 -1.78 1.41
C PHE A 46 -22.29 -0.63 1.98
N ARG A 47 -22.58 -0.74 3.29
CA ARG A 47 -23.33 0.23 4.13
C ARG A 47 -22.37 1.28 4.70
N PRO A 48 -22.60 2.60 4.51
CA PRO A 48 -21.88 3.64 5.26
C PRO A 48 -22.18 3.60 6.76
N ILE A 49 -21.13 3.63 7.56
CA ILE A 49 -21.15 3.45 9.04
C ILE A 49 -20.65 4.74 9.68
N SER A 50 -19.58 5.31 9.15
CA SER A 50 -18.87 6.50 9.70
C SER A 50 -18.27 7.35 8.58
N VAL A 51 -18.20 8.67 8.82
CA VAL A 51 -17.47 9.63 7.95
C VAL A 51 -16.78 10.65 8.85
N PHE A 52 -15.56 11.03 8.53
CA PHE A 52 -14.90 12.17 9.22
C PHE A 52 -13.86 12.82 8.32
N ARG A 53 -13.68 14.12 8.54
CA ARG A 53 -12.56 14.94 8.02
C ARG A 53 -11.52 15.19 9.12
N GLU A 54 -10.35 15.68 8.76
CA GLU A 54 -9.22 16.01 9.67
C GLU A 54 -9.64 17.11 10.63
N ALA A 55 -9.37 16.97 11.92
CA ALA A 55 -9.59 18.04 12.93
C ALA A 55 -8.62 19.22 12.75
N ASN A 56 -9.13 20.42 13.09
CA ASN A 56 -8.42 21.74 13.13
C ASN A 56 -7.72 21.94 11.77
N GLU A 57 -8.52 21.95 10.71
CA GLU A 57 -8.01 22.12 9.34
C GLU A 57 -9.13 22.77 8.52
N ASP A 58 -8.85 23.93 7.94
CA ASP A 58 -9.74 24.60 6.97
C ASP A 58 -10.06 23.60 5.87
N GLU A 59 -8.99 23.01 5.32
CA GLU A 59 -9.01 22.04 4.20
C GLU A 59 -8.39 20.75 4.72
N SER A 60 -9.05 19.63 4.51
CA SER A 60 -8.75 18.33 5.16
C SER A 60 -7.75 17.56 4.31
N GLY A 61 -6.69 17.04 4.94
CA GLY A 61 -5.48 16.60 4.25
C GLY A 61 -5.15 15.13 4.38
N PHE A 62 -6.10 14.27 4.72
CA PHE A 62 -5.82 12.81 4.77
C PHE A 62 -5.41 12.36 3.36
N THR A 63 -4.35 11.57 3.29
CA THR A 63 -3.78 11.00 2.03
C THR A 63 -3.74 9.46 2.05
N CYS A 64 -3.71 8.84 3.21
CA CYS A 64 -3.63 7.37 3.30
C CYS A 64 -4.00 6.93 4.71
N CYS A 65 -4.31 5.65 4.84
CA CYS A 65 -4.90 5.07 6.07
C CYS A 65 -4.53 3.57 6.15
N ALA A 66 -4.46 3.10 7.39
CA ALA A 66 -4.34 1.68 7.82
C ALA A 66 -4.92 1.51 9.22
N PHE A 67 -5.51 0.36 9.53
CA PHE A 67 -6.03 0.16 10.89
C PHE A 67 -4.88 -0.06 11.87
N SER A 68 -5.02 0.47 13.06
CA SER A 68 -4.00 0.22 14.11
C SER A 68 -4.23 -1.19 14.66
N ALA A 69 -3.25 -1.74 15.36
CA ALA A 69 -3.37 -3.00 16.12
C ALA A 69 -4.45 -2.83 17.20
N ARG A 70 -4.73 -1.61 17.69
CA ARG A 70 -5.89 -1.31 18.60
C ARG A 70 -7.20 -1.26 17.79
N GLU A 71 -8.26 -1.89 18.32
CA GLU A 71 -9.52 -2.28 17.62
C GLU A 71 -10.15 -1.07 16.90
N ARG A 72 -10.60 -0.05 17.66
CA ARG A 72 -11.52 1.02 17.16
C ARG A 72 -10.74 2.17 16.48
N PHE A 73 -9.43 2.02 16.18
CA PHE A 73 -8.54 3.17 15.87
C PHE A 73 -7.90 3.02 14.51
N LEU A 74 -8.00 4.09 13.72
CA LEU A 74 -7.43 4.17 12.37
C LEU A 74 -6.22 5.12 12.38
N MET A 75 -5.13 4.71 11.77
CA MET A 75 -3.98 5.58 11.44
C MET A 75 -4.13 6.20 10.05
N LEU A 76 -3.87 7.50 9.94
CA LEU A 76 -3.96 8.27 8.70
C LEU A 76 -2.68 9.09 8.56
N GLY A 77 -2.11 9.11 7.38
CA GLY A 77 -1.09 10.10 7.01
C GLY A 77 -1.71 11.39 6.48
N THR A 78 -0.98 12.53 6.47
CA THR A 78 -1.54 13.77 5.88
C THR A 78 -0.60 14.43 4.89
N CYS A 79 -1.12 15.45 4.20
CA CYS A 79 -0.35 16.18 3.17
C CYS A 79 0.72 17.06 3.83
N THR A 80 0.70 17.31 5.14
CA THR A 80 1.80 18.04 5.88
C THR A 80 2.74 17.05 6.58
N GLY A 81 2.70 15.77 6.21
CA GLY A 81 3.60 14.74 6.72
C GLY A 81 3.32 14.31 8.16
N GLN A 82 2.11 14.48 8.63
CA GLN A 82 1.72 14.03 9.99
C GLN A 82 1.08 12.64 9.95
N LEU A 83 1.34 11.86 11.00
CA LEU A 83 0.62 10.64 11.36
C LEU A 83 -0.33 11.02 12.47
N LYS A 84 -1.60 10.65 12.30
CA LYS A 84 -2.68 10.91 13.24
C LYS A 84 -3.40 9.60 13.52
N LEU A 85 -3.89 9.45 14.76
CA LEU A 85 -4.67 8.32 15.25
C LEU A 85 -6.07 8.85 15.53
N TYR A 86 -7.07 8.31 14.83
CA TYR A 86 -8.51 8.72 14.92
C TYR A 86 -9.37 7.55 15.40
N ASN A 87 -10.29 7.83 16.29
CA ASN A 87 -11.45 6.95 16.50
C ASN A 87 -12.27 6.94 15.22
N VAL A 88 -12.40 5.76 14.63
CA VAL A 88 -12.96 5.58 13.27
C VAL A 88 -14.50 5.74 13.29
N PHE A 89 -15.14 5.65 14.46
CA PHE A 89 -16.61 5.74 14.65
C PHE A 89 -16.95 7.17 15.07
N SER A 90 -16.24 7.70 16.08
CA SER A 90 -16.47 9.06 16.62
C SER A 90 -15.91 10.13 15.68
N GLY A 91 -14.79 9.83 15.00
CA GLY A 91 -14.00 10.83 14.26
C GLY A 91 -13.18 11.73 15.16
N GLN A 92 -12.99 11.37 16.43
CA GLN A 92 -12.17 12.11 17.42
C GLN A 92 -10.69 11.84 17.08
N GLU A 93 -9.92 12.92 16.85
CA GLU A 93 -8.44 12.84 16.74
C GLU A 93 -7.86 12.52 18.14
N GLU A 94 -7.15 11.42 18.28
CA GLU A 94 -6.61 10.96 19.58
C GLU A 94 -5.13 11.32 19.73
N ALA A 95 -4.36 11.46 18.66
CA ALA A 95 -2.90 11.64 18.74
C ALA A 95 -2.36 12.13 17.40
N SER A 96 -1.28 12.89 17.41
CA SER A 96 -0.68 13.51 16.21
C SER A 96 0.84 13.51 16.37
N TYR A 97 1.58 13.11 15.34
CA TYR A 97 3.05 13.27 15.29
C TYR A 97 3.45 13.79 13.92
N ASN A 98 4.45 14.66 13.87
CA ASN A 98 5.03 15.06 12.57
C ASN A 98 6.18 14.14 12.18
N CYS A 99 5.97 13.24 11.23
CA CYS A 99 6.98 12.28 10.74
C CYS A 99 7.86 12.86 9.63
N HIS A 100 7.29 13.73 8.76
CA HIS A 100 7.99 14.29 7.56
C HIS A 100 7.53 15.72 7.25
N ASN A 101 8.38 16.46 6.57
CA ASN A 101 8.14 17.84 6.12
C ASN A 101 7.74 17.80 4.63
N SER A 102 7.15 16.67 4.20
CA SER A 102 6.41 16.60 2.92
C SER A 102 5.23 15.58 3.08
N ALA A 103 4.30 15.54 2.14
CA ALA A 103 3.10 14.68 2.22
C ALA A 103 3.43 13.19 2.38
N ILE A 104 2.75 12.50 3.30
CA ILE A 104 2.78 11.02 3.41
C ILE A 104 2.12 10.42 2.15
N THR A 105 2.82 9.53 1.49
CA THR A 105 2.37 8.72 0.33
C THR A 105 2.02 7.32 0.78
N HIS A 106 2.53 6.83 1.90
CA HIS A 106 2.21 5.44 2.32
C HIS A 106 2.41 5.24 3.81
N LEU A 107 1.69 4.32 4.41
CA LEU A 107 2.10 3.85 5.75
C LEU A 107 1.71 2.39 5.90
N GLU A 108 2.34 1.68 6.81
CA GLU A 108 2.00 0.28 7.14
C GLU A 108 2.39 0.07 8.59
N PRO A 109 1.44 -0.18 9.50
CA PRO A 109 1.77 -0.67 10.83
C PRO A 109 2.11 -2.16 10.82
N SER A 110 2.94 -2.54 11.77
CA SER A 110 3.31 -3.93 12.08
C SER A 110 2.15 -4.62 12.82
N ARG A 111 2.00 -5.93 12.60
CA ARG A 111 0.89 -6.75 13.15
C ARG A 111 0.92 -6.67 14.67
N ASP A 112 2.11 -6.59 15.29
CA ASP A 112 2.19 -6.62 16.77
C ASP A 112 2.08 -5.23 17.38
N GLY A 113 1.80 -4.19 16.59
CA GLY A 113 1.53 -2.83 17.09
C GLY A 113 2.77 -2.05 17.59
N SER A 114 3.98 -2.57 17.43
CA SER A 114 5.21 -1.99 18.04
C SER A 114 5.95 -1.09 17.03
N LEU A 115 5.64 -1.20 15.73
CA LEU A 115 6.42 -0.56 14.64
C LEU A 115 5.47 -0.04 13.58
N LEU A 116 5.96 0.98 12.84
CA LEU A 116 5.24 1.69 11.76
C LEU A 116 6.24 2.12 10.69
N LEU A 117 5.92 1.82 9.43
CA LEU A 117 6.66 2.36 8.27
C LEU A 117 5.91 3.58 7.69
N THR A 118 6.65 4.59 7.26
CA THR A 118 6.10 5.75 6.49
C THR A 118 6.95 6.02 5.24
N SER A 119 6.34 6.59 4.21
CA SER A 119 7.03 7.16 3.01
C SER A 119 6.40 8.55 2.73
N ALA A 120 7.22 9.52 2.36
CA ALA A 120 6.78 10.89 2.05
C ALA A 120 7.10 11.19 0.58
N THR A 121 7.19 12.44 0.19
CA THR A 121 7.09 12.85 -1.24
C THR A 121 8.46 13.37 -1.68
N TRP A 122 9.05 14.36 -1.02
CA TRP A 122 10.35 14.93 -1.44
C TRP A 122 11.30 15.15 -0.25
N SER A 123 10.81 14.96 0.98
CA SER A 123 11.63 14.84 2.25
C SER A 123 12.86 13.93 2.10
N GLN A 124 13.97 14.25 2.75
CA GLN A 124 15.11 13.32 2.97
C GLN A 124 15.33 13.23 4.47
N PRO A 125 15.20 12.05 5.10
CA PRO A 125 14.95 10.78 4.44
C PRO A 125 13.51 10.60 3.94
N LEU A 126 13.39 9.86 2.87
CA LEU A 126 12.15 9.75 2.08
C LEU A 126 11.18 8.76 2.74
N SER A 127 11.68 7.66 3.32
CA SER A 127 10.93 6.70 4.16
C SER A 127 11.58 6.48 5.52
N ALA A 128 10.83 5.98 6.49
CA ALA A 128 11.35 5.74 7.85
C ALA A 128 10.57 4.61 8.55
N LEU A 129 11.21 4.07 9.59
CA LEU A 129 10.64 3.06 10.51
C LEU A 129 10.54 3.70 11.90
N TRP A 130 9.34 3.73 12.48
CA TRP A 130 9.10 4.37 13.81
C TRP A 130 8.71 3.29 14.83
N GLY A 131 9.20 3.42 16.05
CA GLY A 131 8.82 2.61 17.21
C GLY A 131 7.59 3.20 17.86
N MET A 132 6.70 2.39 18.40
CA MET A 132 5.42 2.89 18.98
C MET A 132 5.17 2.42 20.42
N LYS A 133 6.06 1.60 20.98
CA LYS A 133 5.91 1.08 22.37
C LYS A 133 6.45 2.17 23.31
N SER A 134 5.63 2.61 24.27
CA SER A 134 5.85 3.76 25.20
C SER A 134 5.79 5.07 24.41
N VAL A 135 6.96 5.58 24.02
CA VAL A 135 7.12 6.87 23.30
C VAL A 135 7.18 6.54 21.81
N PHE A 136 6.77 7.49 20.98
CA PHE A 136 6.88 7.39 19.51
C PHE A 136 8.24 7.95 19.09
N ASP A 137 9.01 7.27 18.25
CA ASP A 137 10.38 7.74 17.93
C ASP A 137 10.87 7.02 16.67
N MET A 138 11.92 7.52 16.06
CA MET A 138 12.41 7.00 14.77
C MET A 138 13.47 5.97 15.10
N LYS A 139 13.39 4.76 14.52
CA LYS A 139 14.36 3.65 14.70
C LYS A 139 15.41 3.68 13.58
N HIS A 140 14.98 3.72 12.33
CA HIS A 140 15.87 3.76 11.15
C HIS A 140 15.21 4.64 10.10
N SER A 141 16.01 5.04 9.12
CA SER A 141 15.54 5.85 7.97
C SER A 141 16.17 5.31 6.68
N PHE A 142 15.40 5.33 5.61
CA PHE A 142 15.72 4.77 4.28
C PHE A 142 15.89 5.98 3.37
N THR A 143 17.09 6.45 3.29
CA THR A 143 17.39 7.78 2.71
C THR A 143 16.69 7.96 1.35
N GLU A 144 16.84 7.09 0.35
CA GLU A 144 16.22 7.36 -0.98
C GLU A 144 15.11 6.36 -1.42
N ASP A 145 14.72 5.40 -0.60
CA ASP A 145 13.58 4.50 -0.88
C ASP A 145 12.28 5.30 -0.81
N HIS A 146 11.48 5.29 -1.88
CA HIS A 146 10.27 6.13 -2.03
C HIS A 146 9.06 5.33 -1.54
N TYR A 147 9.22 4.05 -1.29
CA TYR A 147 8.18 3.08 -0.87
C TYR A 147 8.87 1.96 -0.06
N VAL A 148 8.21 1.44 0.98
CA VAL A 148 8.72 0.44 1.95
C VAL A 148 7.55 -0.43 2.39
N GLU A 149 7.81 -1.72 2.64
CA GLU A 149 6.82 -2.70 3.12
C GLU A 149 7.50 -3.55 4.20
N PHE A 150 6.74 -4.14 5.11
CA PHE A 150 7.27 -5.23 5.98
C PHE A 150 7.31 -6.58 5.23
N SER A 151 8.25 -7.44 5.62
CA SER A 151 8.16 -8.90 5.30
C SER A 151 6.84 -9.38 5.90
N LYS A 152 6.26 -10.45 5.37
CA LYS A 152 4.84 -10.78 5.64
C LYS A 152 4.73 -11.91 6.65
N HIS A 153 5.51 -12.98 6.48
CA HIS A 153 5.38 -14.20 7.32
C HIS A 153 5.87 -13.86 8.73
N SER A 154 7.15 -13.52 8.80
CA SER A 154 7.80 -13.01 10.01
C SER A 154 8.23 -11.55 9.71
N GLN A 155 7.77 -10.59 10.52
CA GLN A 155 7.97 -9.14 10.27
C GLN A 155 9.28 -8.70 10.91
N ASP A 156 10.37 -9.29 10.43
CA ASP A 156 11.78 -9.06 10.88
C ASP A 156 12.58 -8.29 9.82
N ARG A 157 11.99 -8.03 8.64
N ARG A 157 12.00 -8.01 8.64
CA ARG A 157 12.71 -7.36 7.51
CA ARG A 157 12.72 -7.34 7.54
C ARG A 157 11.78 -6.31 6.90
C ARG A 157 11.78 -6.31 6.90
N VAL A 158 12.41 -5.33 6.22
CA VAL A 158 11.75 -4.25 5.46
C VAL A 158 12.22 -4.37 4.02
N ILE A 159 11.33 -4.21 3.06
CA ILE A 159 11.74 -4.14 1.64
C ILE A 159 11.40 -2.75 1.14
N GLY A 160 12.42 -2.07 0.62
CA GLY A 160 12.23 -0.71 0.07
C GLY A 160 12.47 -0.66 -1.42
N THR A 161 11.96 0.37 -2.10
CA THR A 161 12.03 0.54 -3.56
C THR A 161 12.61 1.91 -3.87
N LYS A 162 13.61 1.95 -4.71
CA LYS A 162 14.18 3.19 -5.28
C LYS A 162 14.25 3.03 -6.82
N GLY A 163 13.34 3.67 -7.55
CA GLY A 163 13.20 3.50 -9.01
C GLY A 163 12.94 2.04 -9.35
N ASP A 164 13.94 1.41 -9.97
CA ASP A 164 13.81 0.04 -10.54
C ASP A 164 14.36 -1.00 -9.57
N ILE A 165 14.83 -0.56 -8.41
CA ILE A 165 15.79 -1.31 -7.55
C ILE A 165 15.09 -1.65 -6.24
N ALA A 166 15.16 -2.91 -5.80
CA ALA A 166 14.69 -3.26 -4.44
C ALA A 166 15.88 -3.38 -3.47
N HIS A 167 15.67 -2.90 -2.24
CA HIS A 167 16.63 -2.99 -1.09
C HIS A 167 15.99 -3.81 0.03
N ILE A 168 16.68 -4.76 0.63
CA ILE A 168 16.15 -5.40 1.87
C ILE A 168 16.98 -4.99 3.09
N TYR A 169 16.30 -4.80 4.20
CA TYR A 169 16.90 -4.29 5.46
C TYR A 169 16.51 -5.22 6.61
N ASP A 170 17.47 -5.47 7.51
CA ASP A 170 17.21 -6.09 8.84
C ASP A 170 16.58 -5.00 9.72
N ILE A 171 15.51 -5.29 10.43
CA ILE A 171 14.79 -4.30 11.28
C ILE A 171 15.61 -3.95 12.54
N GLN A 172 16.41 -4.87 13.07
CA GLN A 172 17.10 -4.64 14.36
C GLN A 172 18.25 -3.69 14.09
N THR A 173 19.12 -4.06 13.17
CA THR A 173 20.35 -3.32 12.87
C THR A 173 20.04 -2.13 11.99
N GLY A 174 19.08 -2.28 11.08
CA GLY A 174 18.82 -1.30 10.00
C GLY A 174 19.71 -1.57 8.80
N ASN A 175 20.57 -2.58 8.82
CA ASN A 175 21.53 -2.82 7.71
C ASN A 175 20.83 -3.27 6.43
N LYS A 176 21.37 -2.86 5.29
CA LYS A 176 20.95 -3.33 3.96
C LYS A 176 21.56 -4.74 3.77
N LEU A 177 20.71 -5.76 3.65
CA LEU A 177 21.12 -7.18 3.47
C LEU A 177 21.31 -7.49 1.98
N LEU A 178 20.40 -7.08 1.11
CA LEU A 178 20.43 -7.35 -0.36
C LEU A 178 20.02 -6.11 -1.13
N THR A 179 20.54 -6.03 -2.35
CA THR A 179 20.01 -5.18 -3.43
C THR A 179 19.57 -6.07 -4.57
N LEU A 180 18.30 -6.05 -4.94
CA LEU A 180 17.77 -6.85 -6.09
C LEU A 180 17.54 -5.93 -7.28
N PHE A 181 18.40 -6.06 -8.29
CA PHE A 181 18.42 -5.25 -9.52
C PHE A 181 19.29 -5.94 -10.58
N ASN A 182 18.62 -6.22 -11.71
CA ASN A 182 19.24 -6.69 -12.96
C ASN A 182 18.81 -5.78 -14.09
N PRO A 183 19.73 -4.95 -14.62
CA PRO A 183 19.34 -3.97 -15.64
C PRO A 183 18.97 -4.64 -16.98
N ASP A 184 19.49 -5.83 -17.27
CA ASP A 184 19.07 -6.58 -18.49
C ASP A 184 17.63 -7.11 -18.31
N LEU A 185 17.09 -7.24 -17.10
CA LEU A 185 15.73 -7.79 -16.87
C LEU A 185 14.68 -6.73 -16.51
N ALA A 186 15.03 -5.47 -16.45
CA ALA A 186 14.14 -4.40 -15.95
C ALA A 186 12.95 -4.11 -16.88
N ASN A 187 11.85 -3.70 -16.28
CA ASN A 187 10.63 -3.28 -17.01
C ASN A 187 10.45 -1.75 -16.92
N ASN A 188 11.11 -1.11 -15.96
CA ASN A 188 11.08 0.36 -15.76
C ASN A 188 9.64 0.76 -15.47
N TYR A 189 8.94 0.05 -14.61
CA TYR A 189 7.53 0.40 -14.30
C TYR A 189 7.58 1.76 -13.62
N LYS A 190 6.80 2.72 -14.11
CA LYS A 190 6.73 4.05 -13.49
C LYS A 190 6.20 4.00 -12.05
N ARG A 191 5.51 2.95 -11.61
N ARG A 191 5.51 2.96 -11.62
CA ARG A 191 4.95 2.94 -10.23
CA ARG A 191 4.92 2.93 -10.25
C ARG A 191 5.38 1.66 -9.51
C ARG A 191 5.38 1.65 -9.52
N ASN A 192 6.63 1.25 -9.75
CA ASN A 192 7.22 0.02 -9.18
C ASN A 192 7.19 0.06 -7.66
N CYS A 193 6.75 -1.04 -7.07
CA CYS A 193 6.63 -1.26 -5.60
C CYS A 193 7.00 -2.73 -5.34
N ALA A 194 8.24 -2.95 -4.86
CA ALA A 194 8.83 -4.26 -4.50
C ALA A 194 8.13 -4.81 -3.25
N THR A 195 7.93 -6.13 -3.23
CA THR A 195 7.02 -6.79 -2.28
C THR A 195 7.49 -8.23 -2.10
N PHE A 196 7.40 -8.69 -0.87
CA PHE A 196 7.58 -10.09 -0.49
C PHE A 196 6.30 -10.90 -0.75
N ASN A 197 6.48 -12.18 -1.01
CA ASN A 197 5.35 -13.14 -1.05
C ASN A 197 4.98 -13.55 0.37
N PRO A 198 3.86 -14.25 0.56
CA PRO A 198 3.38 -14.55 1.91
C PRO A 198 4.33 -15.34 2.84
N THR A 199 5.34 -16.04 2.30
CA THR A 199 6.29 -16.86 3.09
C THR A 199 7.65 -16.17 3.20
N ASP A 200 7.85 -14.99 2.60
CA ASP A 200 9.10 -14.16 2.71
C ASP A 200 10.27 -14.72 1.89
N ASP A 201 10.09 -15.67 0.96
CA ASP A 201 11.28 -16.23 0.24
C ASP A 201 11.32 -15.81 -1.24
N LEU A 202 10.21 -15.26 -1.75
CA LEU A 202 10.16 -14.61 -3.09
C LEU A 202 9.94 -13.10 -2.92
N VAL A 203 10.38 -12.38 -3.92
CA VAL A 203 10.14 -10.93 -4.09
C VAL A 203 9.76 -10.64 -5.54
N LEU A 204 8.77 -9.77 -5.69
CA LEU A 204 8.45 -9.15 -6.99
C LEU A 204 9.03 -7.76 -6.96
N ASN A 205 9.86 -7.48 -7.93
CA ASN A 205 10.39 -6.14 -8.14
C ASN A 205 10.42 -5.93 -9.64
N ASP A 206 9.68 -4.94 -10.10
CA ASP A 206 9.82 -4.40 -11.47
C ASP A 206 9.38 -5.49 -12.44
N GLY A 207 8.40 -6.29 -12.06
CA GLY A 207 7.95 -7.39 -12.94
C GLY A 207 8.88 -8.59 -12.97
N VAL A 208 9.98 -8.57 -12.21
CA VAL A 208 10.91 -9.70 -11.97
C VAL A 208 10.59 -10.43 -10.64
N LEU A 209 10.47 -11.74 -10.74
CA LEU A 209 10.39 -12.66 -9.58
C LEU A 209 11.81 -13.06 -9.16
N TRP A 210 12.14 -12.78 -7.91
CA TRP A 210 13.45 -13.10 -7.32
C TRP A 210 13.28 -14.13 -6.21
N ASP A 211 14.29 -14.98 -6.10
CA ASP A 211 14.49 -15.91 -4.97
C ASP A 211 15.37 -15.20 -3.96
N VAL A 212 14.83 -14.95 -2.78
CA VAL A 212 15.54 -14.17 -1.74
C VAL A 212 16.82 -14.92 -1.30
N ARG A 213 16.74 -16.23 -1.00
CA ARG A 213 17.93 -16.98 -0.48
C ARG A 213 19.10 -16.99 -1.49
N SER A 214 18.84 -17.15 -2.78
N SER A 214 18.84 -17.15 -2.78
CA SER A 214 19.91 -17.26 -3.81
CA SER A 214 19.89 -17.26 -3.83
C SER A 214 20.30 -15.89 -4.37
C SER A 214 20.32 -15.88 -4.35
N ALA A 215 19.50 -14.84 -4.09
CA ALA A 215 19.59 -13.53 -4.77
C ALA A 215 19.61 -13.74 -6.29
N LEU A 216 18.69 -14.59 -6.79
CA LEU A 216 18.66 -15.04 -8.19
C LEU A 216 17.29 -14.69 -8.77
N ALA A 217 17.33 -14.09 -9.94
CA ALA A 217 16.15 -13.76 -10.76
C ALA A 217 15.65 -15.06 -11.37
N ILE A 218 14.46 -15.50 -11.01
CA ILE A 218 14.02 -16.82 -11.52
C ILE A 218 13.14 -16.58 -12.76
N HIS A 219 12.38 -15.50 -12.84
CA HIS A 219 11.55 -15.20 -14.05
C HIS A 219 11.30 -13.69 -14.19
N LYS A 220 11.44 -13.16 -15.41
CA LYS A 220 10.95 -11.82 -15.80
C LYS A 220 9.59 -11.93 -16.53
N PHE A 221 8.53 -11.36 -15.99
CA PHE A 221 7.21 -11.28 -16.68
C PHE A 221 7.27 -10.13 -17.66
N ASP A 222 6.81 -10.40 -18.89
CA ASP A 222 6.74 -9.41 -19.98
C ASP A 222 5.86 -8.25 -19.55
N LYS A 223 6.22 -7.08 -20.05
CA LYS A 223 5.65 -5.76 -19.74
C LYS A 223 4.47 -5.52 -20.67
N PHE A 224 3.31 -5.26 -20.07
CA PHE A 224 2.03 -5.09 -20.82
C PHE A 224 1.35 -3.78 -20.39
N ASN A 225 1.99 -3.00 -19.52
CA ASN A 225 1.56 -1.62 -19.20
C ASN A 225 2.77 -0.80 -18.70
N MET A 226 2.57 0.46 -18.39
CA MET A 226 3.68 1.38 -18.13
C MET A 226 3.81 1.59 -16.63
N ASN A 227 2.79 1.34 -15.86
CA ASN A 227 2.75 1.85 -14.48
C ASN A 227 2.74 0.74 -13.43
N ILE A 228 1.96 -0.34 -13.58
CA ILE A 228 1.67 -1.29 -12.45
C ILE A 228 2.63 -2.50 -12.49
N SER A 229 3.21 -2.83 -11.35
CA SER A 229 4.39 -3.73 -11.19
C SER A 229 3.92 -5.11 -10.65
N GLY A 230 2.92 -5.17 -9.77
CA GLY A 230 2.40 -6.48 -9.36
C GLY A 230 2.43 -6.77 -7.88
N VAL A 231 1.47 -7.60 -7.44
CA VAL A 231 1.43 -8.15 -6.06
C VAL A 231 1.28 -9.68 -6.11
N PHE A 232 1.52 -10.33 -4.98
CA PHE A 232 1.36 -11.79 -4.78
C PHE A 232 -0.06 -12.00 -4.33
N HIS A 233 -0.77 -12.96 -4.86
CA HIS A 233 -1.98 -13.48 -4.20
C HIS A 233 -1.53 -14.00 -2.85
N PRO A 234 -2.29 -13.76 -1.75
CA PRO A 234 -2.05 -14.39 -0.46
C PRO A 234 -2.01 -15.94 -0.51
N ASN A 235 -2.61 -16.57 -1.51
CA ASN A 235 -2.63 -18.04 -1.56
C ASN A 235 -1.23 -18.58 -1.89
N GLY A 236 -0.25 -17.73 -2.23
CA GLY A 236 1.15 -18.13 -2.49
C GLY A 236 1.35 -18.82 -3.83
N LEU A 237 0.30 -18.95 -4.65
CA LEU A 237 0.39 -19.64 -5.96
C LEU A 237 0.36 -18.69 -7.17
N GLU A 238 -0.28 -17.52 -7.05
CA GLU A 238 -0.55 -16.61 -8.18
C GLU A 238 0.06 -15.26 -7.86
N VAL A 239 0.51 -14.61 -8.89
CA VAL A 239 0.94 -13.20 -8.89
C VAL A 239 -0.01 -12.42 -9.83
N ILE A 240 -0.34 -11.20 -9.46
CA ILE A 240 -1.28 -10.33 -10.21
C ILE A 240 -0.55 -9.08 -10.67
N ILE A 241 -0.33 -8.93 -11.97
CA ILE A 241 0.37 -7.77 -12.56
C ILE A 241 -0.58 -7.02 -13.50
N ASN A 242 -1.21 -5.99 -12.97
CA ASN A 242 -2.20 -5.18 -13.72
C ASN A 242 -3.35 -6.10 -14.14
N THR A 243 -3.61 -6.32 -15.42
CA THR A 243 -4.76 -7.11 -15.90
C THR A 243 -4.41 -8.60 -16.06
N GLU A 244 -3.17 -8.99 -15.91
CA GLU A 244 -2.76 -10.41 -16.07
C GLU A 244 -2.64 -11.06 -14.69
N ILE A 245 -3.19 -12.27 -14.55
CA ILE A 245 -2.89 -13.21 -13.43
C ILE A 245 -1.99 -14.35 -13.89
N TRP A 246 -0.78 -14.50 -13.34
CA TRP A 246 0.15 -15.59 -13.74
C TRP A 246 0.24 -16.68 -12.65
N ASP A 247 0.42 -17.94 -13.02
CA ASP A 247 0.76 -19.07 -12.10
C ASP A 247 2.26 -19.01 -11.77
N LEU A 248 2.64 -19.17 -10.50
CA LEU A 248 4.05 -19.12 -10.01
C LEU A 248 4.82 -20.42 -10.27
N ARG A 249 4.15 -21.54 -10.52
CA ARG A 249 4.85 -22.83 -10.79
C ARG A 249 5.00 -23.00 -12.32
N THR A 250 4.10 -22.48 -13.16
CA THR A 250 4.12 -22.79 -14.62
C THR A 250 4.32 -21.55 -15.49
N PHE A 251 3.93 -20.38 -15.01
CA PHE A 251 4.09 -19.07 -15.67
C PHE A 251 3.03 -18.92 -16.78
N HIS A 252 2.05 -19.81 -16.80
CA HIS A 252 0.85 -19.75 -17.66
C HIS A 252 -0.06 -18.60 -17.24
N LEU A 253 -0.65 -17.90 -18.18
CA LEU A 253 -1.68 -16.89 -17.88
C LEU A 253 -2.97 -17.62 -17.49
N LEU A 254 -3.51 -17.32 -16.29
CA LEU A 254 -4.71 -17.97 -15.70
C LEU A 254 -5.95 -17.12 -16.02
N HIS A 255 -5.79 -15.81 -15.97
CA HIS A 255 -6.93 -14.87 -16.10
C HIS A 255 -6.46 -13.56 -16.76
N THR A 256 -7.39 -12.98 -17.53
CA THR A 256 -7.46 -11.58 -18.00
C THR A 256 -8.62 -10.89 -17.27
N VAL A 257 -8.34 -9.77 -16.60
CA VAL A 257 -9.34 -8.98 -15.85
C VAL A 257 -9.18 -7.51 -16.27
N PRO A 258 -9.84 -7.15 -17.39
CA PRO A 258 -9.71 -5.81 -17.93
C PRO A 258 -10.00 -4.74 -16.89
N ALA A 259 -10.93 -4.93 -15.95
CA ALA A 259 -11.36 -3.86 -15.02
C ALA A 259 -10.30 -3.59 -13.94
N LEU A 260 -9.28 -4.44 -13.82
CA LEU A 260 -8.08 -4.17 -12.99
C LEU A 260 -7.11 -3.14 -13.62
N ASP A 261 -7.22 -2.77 -14.90
CA ASP A 261 -6.25 -1.86 -15.56
C ASP A 261 -5.92 -0.65 -14.66
N GLN A 262 -4.65 -0.42 -14.40
CA GLN A 262 -4.17 0.74 -13.61
C GLN A 262 -4.73 0.68 -12.19
N CYS A 263 -5.09 -0.48 -11.66
CA CYS A 263 -5.59 -0.51 -10.27
C CYS A 263 -4.49 -0.91 -9.32
N ARG A 264 -4.59 -0.31 -8.13
CA ARG A 264 -3.91 -0.79 -6.92
C ARG A 264 -4.82 -1.85 -6.31
N VAL A 265 -4.21 -2.93 -5.87
CA VAL A 265 -4.97 -4.11 -5.41
C VAL A 265 -4.75 -4.28 -3.91
N VAL A 266 -5.84 -4.49 -3.18
CA VAL A 266 -5.83 -4.86 -1.75
C VAL A 266 -6.74 -6.07 -1.54
N PHE A 267 -6.29 -7.03 -0.73
CA PHE A 267 -7.09 -8.19 -0.29
C PHE A 267 -7.62 -7.96 1.11
N ASN A 268 -8.81 -8.50 1.39
CA ASN A 268 -9.30 -8.69 2.78
C ASN A 268 -8.36 -9.68 3.46
N HIS A 269 -8.41 -9.77 4.80
CA HIS A 269 -7.45 -10.54 5.64
C HIS A 269 -7.69 -12.04 5.48
N THR A 270 -8.89 -12.53 5.15
CA THR A 270 -9.08 -13.97 4.81
C THR A 270 -8.68 -14.28 3.37
N GLY A 271 -8.36 -13.31 2.53
CA GLY A 271 -7.87 -13.58 1.17
C GLY A 271 -8.91 -14.24 0.28
N THR A 272 -10.19 -13.92 0.51
CA THR A 272 -11.36 -14.36 -0.29
C THR A 272 -11.93 -13.21 -1.14
N VAL A 273 -11.62 -11.95 -0.80
CA VAL A 273 -12.10 -10.77 -1.59
C VAL A 273 -10.89 -9.88 -1.92
N MET A 274 -10.93 -9.36 -3.14
CA MET A 274 -9.92 -8.45 -3.75
C MET A 274 -10.60 -7.13 -4.16
N TYR A 275 -10.09 -6.02 -3.64
CA TYR A 275 -10.57 -4.65 -3.98
C TYR A 275 -9.55 -3.99 -4.93
N GLY A 276 -10.07 -3.22 -5.88
CA GLY A 276 -9.30 -2.50 -6.91
C GLY A 276 -9.67 -1.02 -6.97
N ALA A 277 -8.69 -0.15 -6.80
CA ALA A 277 -8.82 1.32 -7.04
C ALA A 277 -7.94 1.73 -8.24
N MET A 278 -8.53 2.30 -9.30
CA MET A 278 -7.82 2.67 -10.57
C MET A 278 -7.09 3.98 -10.31
N LEU A 279 -5.84 4.12 -10.81
CA LEU A 279 -4.99 5.36 -10.85
C LEU A 279 -5.54 6.39 -11.84
N GLN A 280 -5.27 7.68 -11.59
CA GLN A 280 -5.78 8.81 -12.40
C GLN A 280 -5.11 8.93 -13.77
N ALA A 281 -5.92 9.20 -14.82
CA ALA A 281 -5.44 9.74 -16.13
C ALA A 281 -4.91 11.16 -15.88
N MET A 292 -1.33 16.63 -1.89
CA MET A 292 -0.88 16.16 -3.24
C MET A 292 -2.02 16.31 -4.27
N LYS A 293 -1.89 15.69 -5.45
CA LYS A 293 -3.02 15.44 -6.40
C LYS A 293 -3.55 14.01 -6.24
N SER A 294 -4.80 13.81 -6.68
CA SER A 294 -5.64 12.59 -6.52
C SER A 294 -4.99 11.37 -7.21
N PRO A 295 -4.45 10.35 -6.47
CA PRO A 295 -3.79 9.18 -7.07
C PRO A 295 -4.70 8.19 -7.84
N PHE A 296 -6.00 8.06 -7.45
CA PHE A 296 -7.02 7.24 -8.17
C PHE A 296 -8.20 8.16 -8.57
N GLY A 297 -8.96 7.67 -9.59
CA GLY A 297 -10.33 8.07 -10.00
C GLY A 297 -11.35 7.54 -9.01
N SER A 298 -12.65 7.67 -9.31
CA SER A 298 -13.73 7.76 -8.27
C SER A 298 -14.48 6.43 -8.05
N SER A 299 -13.97 5.30 -8.56
CA SER A 299 -14.64 3.98 -8.34
C SER A 299 -13.64 2.92 -7.89
N PHE A 300 -14.15 1.95 -7.15
CA PHE A 300 -13.41 0.74 -6.73
C PHE A 300 -14.26 -0.47 -7.15
N ARG A 301 -13.57 -1.52 -7.57
CA ARG A 301 -14.22 -2.79 -8.00
C ARG A 301 -13.94 -3.83 -6.91
N THR A 302 -14.87 -4.72 -6.64
CA THR A 302 -14.59 -5.86 -5.74
C THR A 302 -14.71 -7.14 -6.58
N PHE A 303 -13.77 -8.08 -6.37
CA PHE A 303 -13.69 -9.36 -7.08
C PHE A 303 -13.57 -10.52 -6.09
N ASN A 304 -14.18 -11.63 -6.48
CA ASN A 304 -13.96 -12.94 -5.84
C ASN A 304 -12.50 -13.26 -6.01
N ALA A 305 -11.77 -13.49 -4.95
CA ALA A 305 -10.32 -13.74 -4.95
C ALA A 305 -9.97 -15.12 -5.55
N THR A 306 -10.87 -16.10 -5.52
CA THR A 306 -10.51 -17.48 -5.95
C THR A 306 -10.76 -17.62 -7.47
N ASP A 307 -11.83 -16.99 -7.99
CA ASP A 307 -12.22 -17.05 -9.43
C ASP A 307 -12.21 -15.66 -10.12
N TYR A 308 -11.88 -14.56 -9.46
CA TYR A 308 -11.71 -13.22 -10.11
C TYR A 308 -12.98 -12.78 -10.85
N LYS A 309 -14.15 -13.24 -10.43
CA LYS A 309 -15.46 -12.78 -10.97
C LYS A 309 -15.78 -11.47 -10.27
N PRO A 310 -16.46 -10.50 -10.91
CA PRO A 310 -16.84 -9.26 -10.26
C PRO A 310 -17.96 -9.46 -9.25
N ILE A 311 -17.78 -9.04 -8.02
CA ILE A 311 -18.88 -8.94 -7.01
C ILE A 311 -19.59 -7.59 -7.18
N ALA A 312 -18.86 -6.50 -7.35
CA ALA A 312 -19.42 -5.12 -7.41
C ALA A 312 -18.39 -4.14 -8.03
N THR A 313 -18.97 -3.09 -8.62
CA THR A 313 -18.34 -1.81 -9.04
C THR A 313 -19.04 -0.74 -8.18
N ILE A 314 -18.41 -0.22 -7.12
CA ILE A 314 -18.93 0.95 -6.34
C ILE A 314 -18.30 2.25 -6.93
N ASP A 315 -19.15 3.20 -7.35
CA ASP A 315 -18.72 4.56 -7.79
C ASP A 315 -19.02 5.53 -6.65
N VAL A 316 -17.98 6.05 -5.99
CA VAL A 316 -18.18 6.94 -4.81
C VAL A 316 -18.25 8.41 -5.27
N LYS A 317 -18.14 8.67 -6.60
CA LYS A 317 -18.37 9.99 -7.23
C LYS A 317 -17.33 11.03 -6.73
N ARG A 318 -16.21 10.56 -6.17
CA ARG A 318 -15.10 11.38 -5.61
C ARG A 318 -13.82 10.61 -5.94
N ASN A 319 -12.72 11.26 -6.29
CA ASN A 319 -11.41 10.57 -6.50
C ASN A 319 -10.92 9.92 -5.20
N ILE A 320 -10.26 8.76 -5.28
CA ILE A 320 -9.86 7.93 -4.12
C ILE A 320 -8.35 8.03 -3.84
N PHE A 321 -7.93 8.12 -2.59
CA PHE A 321 -6.50 8.26 -2.29
C PHE A 321 -5.96 6.93 -1.81
N ASP A 322 -6.75 6.15 -1.11
CA ASP A 322 -6.31 4.93 -0.40
C ASP A 322 -7.55 4.17 0.08
N LEU A 323 -7.37 2.91 0.40
CA LEU A 323 -8.41 2.06 1.00
C LEU A 323 -7.72 0.93 1.76
N CYS A 324 -8.37 0.37 2.76
CA CYS A 324 -7.79 -0.69 3.57
C CYS A 324 -8.92 -1.36 4.37
N THR A 325 -8.62 -2.56 4.87
CA THR A 325 -9.54 -3.56 5.47
C THR A 325 -9.12 -3.69 6.92
N ASP A 326 -9.99 -4.04 7.83
CA ASP A 326 -9.58 -4.39 9.21
C ASP A 326 -9.26 -5.89 9.24
N THR A 327 -8.74 -6.40 10.36
CA THR A 327 -8.13 -7.76 10.37
C THR A 327 -9.23 -8.80 10.50
N LYS A 328 -10.46 -8.36 10.77
CA LYS A 328 -11.64 -9.25 10.90
C LYS A 328 -12.52 -9.14 9.66
N ASP A 329 -12.13 -8.39 8.62
CA ASP A 329 -12.92 -8.32 7.35
C ASP A 329 -14.35 -7.83 7.61
N CYS A 330 -14.49 -6.96 8.62
CA CYS A 330 -15.76 -6.31 8.97
C CYS A 330 -15.94 -5.00 8.20
N TYR A 331 -14.85 -4.35 7.84
CA TYR A 331 -14.84 -2.91 7.46
C TYR A 331 -13.88 -2.63 6.31
N LEU A 332 -14.32 -1.74 5.42
CA LEU A 332 -13.49 -1.08 4.40
C LEU A 332 -13.47 0.44 4.70
N ALA A 333 -12.27 0.99 4.90
CA ALA A 333 -12.00 2.42 5.13
C ALA A 333 -11.43 2.97 3.84
N VAL A 334 -12.00 4.08 3.37
CA VAL A 334 -11.64 4.74 2.09
C VAL A 334 -11.41 6.22 2.31
N ILE A 335 -10.28 6.73 1.81
N ILE A 335 -10.30 6.74 1.78
CA ILE A 335 -9.97 8.19 1.66
CA ILE A 335 -10.05 8.20 1.69
C ILE A 335 -10.50 8.71 0.30
C ILE A 335 -10.48 8.73 0.31
N GLU A 336 -11.40 9.69 0.37
CA GLU A 336 -12.17 10.24 -0.77
C GLU A 336 -11.95 11.77 -0.79
N ASN A 337 -11.64 12.31 -1.95
CA ASN A 337 -11.41 13.76 -2.12
C ASN A 337 -12.69 14.41 -2.59
N GLN A 338 -13.18 15.43 -1.88
CA GLN A 338 -14.40 16.16 -2.24
C GLN A 338 -14.06 17.18 -3.34
N GLY A 339 -12.86 17.76 -3.32
CA GLY A 339 -12.36 18.66 -4.40
C GLY A 339 -11.94 17.93 -5.68
N SER A 340 -11.78 18.69 -6.75
CA SER A 340 -11.21 18.22 -8.04
C SER A 340 -9.70 18.40 -7.98
N MET A 341 -8.99 17.85 -8.96
CA MET A 341 -7.51 18.00 -9.06
C MET A 341 -7.10 19.49 -9.20
N ASP A 342 -7.98 20.35 -9.76
CA ASP A 342 -7.74 21.80 -9.96
C ASP A 342 -8.11 22.63 -8.73
N ALA A 343 -8.38 22.06 -7.55
CA ALA A 343 -8.67 22.91 -6.38
C ALA A 343 -7.33 23.45 -5.86
N LEU A 344 -7.33 24.69 -5.32
CA LEU A 344 -6.22 25.24 -4.50
C LEU A 344 -5.73 24.13 -3.57
N ASN A 345 -6.64 23.60 -2.75
CA ASN A 345 -6.30 22.61 -1.70
C ASN A 345 -7.12 21.34 -1.83
N MET A 346 -6.52 20.25 -1.36
CA MET A 346 -7.13 18.98 -0.95
C MET A 346 -8.24 19.21 0.06
N ASP A 347 -9.32 18.46 -0.11
CA ASP A 347 -10.40 18.31 0.88
C ASP A 347 -10.84 16.84 1.06
N THR A 348 -10.08 16.01 1.75
CA THR A 348 -10.44 14.56 1.84
C THR A 348 -11.26 14.23 3.09
N VAL A 349 -12.03 13.16 3.00
CA VAL A 349 -12.76 12.54 4.14
C VAL A 349 -12.37 11.08 4.18
N CYS A 350 -12.45 10.46 5.35
CA CYS A 350 -12.42 8.99 5.55
C CYS A 350 -13.87 8.52 5.74
N ARG A 351 -14.39 7.69 4.83
CA ARG A 351 -15.64 6.93 4.96
C ARG A 351 -15.35 5.49 5.42
N LEU A 352 -16.05 5.02 6.45
CA LEU A 352 -16.11 3.59 6.91
C LEU A 352 -17.35 2.88 6.35
N TYR A 353 -17.14 1.78 5.63
CA TYR A 353 -18.25 0.94 5.10
C TYR A 353 -18.20 -0.45 5.74
N GLU A 354 -19.37 -1.00 6.04
CA GLU A 354 -19.58 -2.40 6.50
C GLU A 354 -19.70 -3.32 5.27
N VAL A 355 -19.02 -4.48 5.28
CA VAL A 355 -18.91 -5.44 4.14
C VAL A 355 -19.25 -6.85 4.61
#